data_4D48
#
_entry.id   4D48
#
_cell.length_a   80.673
_cell.length_b   80.673
_cell.length_c   169.182
_cell.angle_alpha   90.00
_cell.angle_beta   90.00
_cell.angle_gamma   120.00
#
_symmetry.space_group_name_H-M   'P 62'
#
loop_
_entity.id
_entity.type
_entity.pdbx_description
1 polymer 'GLUCOSE-1-PHOSPHATE URIDYLYLTRANSFERASE'
2 water water
#
_entity_poly.entity_id   1
_entity_poly.type   'polypeptide(L)'
_entity_poly.pdbx_seq_one_letter_code
;MSAYNSKVKKAVIPVAGLGTRMLPATKAIPKEMLPLVDKPLIQYVVNECIAAGINEIVLVTHSSKNSIENHFDTSFELEA
MLEKRVKRQLLEEIQSICPPHVTIMQVRQGLAKGLGHAVMCAWPVIGNEPVAVILPDVILDEYESDLSKDNLAEMIRRFD
ETGHSQIMVEPVADVTAYGVVDCQGAQLNPGDSAPMVGVVEKPKADQAPSNLAVVGRYVLSADIWPLLAKTPPGAGDEIQ
LTDSIAMLMEKETVEAYHLKGVSHDCGNKLGYMQAFVEYGVRHETLGSDFKAWLESAVGNKK
;
_entity_poly.pdbx_strand_id   A,B
#
# COMPACT_ATOMS: atom_id res chain seq x y z
N ASN A 5 -34.45 13.86 -7.97
CA ASN A 5 -33.48 13.40 -6.92
C ASN A 5 -33.98 12.11 -6.28
N SER A 6 -33.05 11.37 -5.69
CA SER A 6 -33.32 10.14 -4.97
C SER A 6 -33.52 10.44 -3.49
N LYS A 7 -34.24 9.57 -2.79
CA LYS A 7 -34.26 9.64 -1.34
C LYS A 7 -33.04 8.94 -0.72
N VAL A 8 -32.25 8.26 -1.56
CA VAL A 8 -30.99 7.66 -1.16
C VAL A 8 -29.87 8.71 -1.26
N LYS A 9 -29.64 9.38 -0.14
CA LYS A 9 -28.74 10.52 -0.12
C LYS A 9 -27.41 10.23 0.50
N LYS A 10 -27.29 9.08 1.17
CA LYS A 10 -26.07 8.69 1.87
C LYS A 10 -25.69 7.26 1.58
N ALA A 11 -24.36 7.00 1.60
CA ALA A 11 -23.77 5.66 1.50
C ALA A 11 -23.01 5.24 2.76
N VAL A 12 -23.35 4.08 3.30
CA VAL A 12 -22.63 3.52 4.45
C VAL A 12 -21.42 2.71 3.92
N ILE A 13 -20.23 2.88 4.51
CA ILE A 13 -19.03 2.09 4.16
C ILE A 13 -18.42 1.53 5.44
N PRO A 14 -18.68 0.24 5.75
CA PRO A 14 -18.08 -0.38 6.92
C PRO A 14 -16.58 -0.61 6.72
N VAL A 15 -15.75 0.14 7.41
CA VAL A 15 -14.30 0.05 7.24
C VAL A 15 -13.64 -0.30 8.56
N ALA A 16 -14.36 -0.94 9.46
CA ALA A 16 -13.83 -1.17 10.80
C ALA A 16 -13.08 -2.46 10.96
N GLY A 17 -13.11 -3.31 9.93
CA GLY A 17 -12.52 -4.63 10.04
C GLY A 17 -11.02 -4.55 10.00
N LEU A 18 -10.36 -5.37 10.80
CA LEU A 18 -8.93 -5.62 10.63
C LEU A 18 -8.77 -6.62 9.50
N GLY A 19 -7.83 -6.35 8.61
CA GLY A 19 -7.72 -7.12 7.38
C GLY A 19 -6.78 -8.32 7.43
N THR A 20 -7.20 -9.37 8.13
CA THR A 20 -6.38 -10.57 8.35
C THR A 20 -6.03 -11.41 7.11
N ARG A 21 -6.76 -11.22 6.03
CA ARG A 21 -6.47 -11.94 4.78
C ARG A 21 -5.35 -11.25 4.01
N MET A 22 -5.11 -9.99 4.31
CA MET A 22 -4.09 -9.19 3.60
C MET A 22 -2.87 -8.90 4.47
N LEU A 23 -2.70 -9.67 5.55
CA LEU A 23 -1.51 -9.61 6.37
C LEU A 23 -0.25 -10.14 5.69
N PRO A 24 0.92 -9.62 6.07
CA PRO A 24 1.23 -8.57 7.04
C PRO A 24 1.18 -7.11 6.55
N ALA A 25 0.82 -6.87 5.31
CA ALA A 25 0.76 -5.50 4.79
C ALA A 25 -0.18 -4.64 5.63
N THR A 26 -1.26 -5.24 6.11
CA THR A 26 -2.26 -4.57 6.91
C THR A 26 -2.02 -4.69 8.40
N LYS A 27 -0.83 -5.10 8.81
CA LYS A 27 -0.54 -5.18 10.23
C LYS A 27 -0.75 -3.80 10.89
N ALA A 28 -0.24 -2.76 10.25
CA ALA A 28 -0.28 -1.44 10.86
C ALA A 28 -0.85 -0.42 9.92
N ILE A 29 -1.43 -0.86 8.81
CA ILE A 29 -2.22 0.04 8.00
C ILE A 29 -3.56 -0.59 7.64
N PRO A 30 -4.57 0.26 7.35
CA PRO A 30 -5.89 -0.23 7.02
C PRO A 30 -5.87 -0.91 5.68
N LYS A 31 -6.49 -2.08 5.59
CA LYS A 31 -6.70 -2.72 4.26
C LYS A 31 -7.35 -1.80 3.25
N GLU A 32 -8.13 -0.82 3.71
CA GLU A 32 -8.76 0.12 2.79
C GLU A 32 -7.75 1.11 2.16
N MET A 33 -6.51 1.13 2.63
CA MET A 33 -5.56 2.12 2.13
C MET A 33 -4.46 1.48 1.34
N LEU A 34 -4.60 0.20 1.04
CA LEU A 34 -3.65 -0.47 0.16
C LEU A 34 -3.78 0.19 -1.21
N PRO A 35 -2.65 0.58 -1.79
CA PRO A 35 -2.74 1.29 -3.05
C PRO A 35 -3.07 0.36 -4.19
N LEU A 36 -3.89 0.85 -5.09
CA LEU A 36 -4.10 0.20 -6.36
C LEU A 36 -3.41 1.11 -7.34
N VAL A 37 -2.24 0.68 -7.78
CA VAL A 37 -1.21 1.57 -8.37
C VAL A 37 -0.81 2.72 -7.42
N ASP A 38 -1.47 3.86 -7.51
CA ASP A 38 -1.06 5.06 -6.76
C ASP A 38 -2.17 5.73 -5.96
N LYS A 39 -3.32 5.08 -5.87
CA LYS A 39 -4.46 5.57 -5.08
C LYS A 39 -4.99 4.45 -4.21
N PRO A 40 -5.44 4.78 -3.02
CA PRO A 40 -5.85 3.73 -2.12
C PRO A 40 -7.20 3.18 -2.47
N LEU A 41 -7.45 1.94 -2.10
CA LEU A 41 -8.71 1.29 -2.41
C LEU A 41 -9.91 2.19 -2.15
N ILE A 42 -9.90 2.81 -0.96
CA ILE A 42 -11.02 3.61 -0.49
C ILE A 42 -11.31 4.81 -1.38
N GLN A 43 -10.31 5.30 -2.11
CA GLN A 43 -10.53 6.44 -2.98
C GLN A 43 -11.31 6.05 -4.21
N TYR A 44 -11.06 4.85 -4.76
CA TYR A 44 -11.89 4.43 -5.90
C TYR A 44 -13.33 4.29 -5.41
N VAL A 45 -13.53 3.64 -4.27
CA VAL A 45 -14.88 3.38 -3.75
C VAL A 45 -15.66 4.65 -3.41
N VAL A 46 -14.97 5.68 -2.97
CA VAL A 46 -15.66 6.94 -2.66
C VAL A 46 -15.99 7.66 -3.94
N ASN A 47 -15.08 7.55 -4.90
CA ASN A 47 -15.38 8.06 -6.22
C ASN A 47 -16.59 7.42 -6.91
N GLU A 48 -16.74 6.11 -6.72
CA GLU A 48 -17.87 5.35 -7.27
C GLU A 48 -19.18 5.87 -6.70
N CYS A 49 -19.22 6.07 -5.38
CA CYS A 49 -20.39 6.67 -4.73
C CYS A 49 -20.65 8.04 -5.32
N ILE A 50 -19.63 8.86 -5.39
CA ILE A 50 -19.80 10.20 -5.93
C ILE A 50 -20.43 10.14 -7.34
N ALA A 51 -19.93 9.21 -8.16
CA ALA A 51 -20.42 9.08 -9.55
C ALA A 51 -21.88 8.61 -9.61
N ALA A 52 -22.28 7.82 -8.61
CA ALA A 52 -23.65 7.36 -8.50
C ALA A 52 -24.57 8.45 -7.94
N GLY A 53 -24.00 9.63 -7.65
CA GLY A 53 -24.76 10.79 -7.23
C GLY A 53 -24.87 10.94 -5.72
N ILE A 54 -24.21 10.06 -4.97
CA ILE A 54 -24.22 10.15 -3.50
C ILE A 54 -23.15 11.13 -3.01
N ASN A 55 -23.54 12.12 -2.21
CA ASN A 55 -22.62 13.20 -1.80
C ASN A 55 -22.26 13.15 -0.32
N GLU A 56 -22.79 12.14 0.38
CA GLU A 56 -22.68 12.04 1.83
C GLU A 56 -22.30 10.62 2.22
N ILE A 57 -21.10 10.47 2.80
CA ILE A 57 -20.55 9.13 3.05
C ILE A 57 -20.26 8.88 4.54
N VAL A 58 -20.84 7.80 5.06
CA VAL A 58 -20.72 7.42 6.44
C VAL A 58 -19.80 6.20 6.59
N LEU A 59 -18.57 6.46 7.05
CA LEU A 59 -17.64 5.38 7.44
C LEU A 59 -18.02 4.87 8.83
N VAL A 60 -18.09 3.56 8.96
CA VAL A 60 -18.23 2.93 10.25
C VAL A 60 -16.86 2.34 10.53
N THR A 61 -16.14 2.91 11.49
CA THR A 61 -14.71 2.66 11.60
C THR A 61 -14.19 2.19 12.96
N HIS A 62 -12.87 2.01 12.99
CA HIS A 62 -12.16 1.47 14.15
C HIS A 62 -11.12 2.51 14.52
N SER A 63 -10.67 2.48 15.77
CA SER A 63 -9.68 3.41 16.31
C SER A 63 -8.36 3.52 15.57
N SER A 64 -7.97 2.49 14.85
CA SER A 64 -6.65 2.43 14.21
C SER A 64 -6.69 2.85 12.77
N LYS A 65 -7.78 3.50 12.33
CA LYS A 65 -7.98 3.75 10.91
C LYS A 65 -8.09 5.23 10.55
N ASN A 66 -7.57 6.07 11.42
CA ASN A 66 -7.54 7.52 11.23
C ASN A 66 -7.09 7.96 9.84
N SER A 67 -6.24 7.17 9.22
CA SER A 67 -5.56 7.51 8.00
C SER A 67 -6.53 7.53 6.82
N ILE A 68 -7.52 6.67 6.89
CA ILE A 68 -8.62 6.76 5.91
C ILE A 68 -9.22 8.17 5.91
N GLU A 69 -9.51 8.72 7.09
CA GLU A 69 -10.09 10.07 7.19
C GLU A 69 -9.11 11.18 6.80
N ASN A 70 -7.83 10.99 7.12
CA ASN A 70 -6.82 11.96 6.79
C ASN A 70 -6.67 12.03 5.29
N HIS A 71 -6.83 10.90 4.62
CA HIS A 71 -6.67 10.88 3.16
C HIS A 71 -7.60 11.86 2.44
N PHE A 72 -8.83 12.05 2.97
CA PHE A 72 -9.79 12.98 2.37
C PHE A 72 -9.84 14.34 3.01
N ASP A 73 -9.15 14.49 4.12
CA ASP A 73 -9.21 15.75 4.83
C ASP A 73 -8.06 16.57 4.29
N THR A 74 -7.96 17.82 4.71
CA THR A 74 -6.80 18.60 4.35
C THR A 74 -5.54 18.09 5.11
N SER A 75 -4.49 17.77 4.36
CA SER A 75 -3.23 17.29 4.91
C SER A 75 -2.31 18.50 5.01
N PHE A 76 -2.20 19.09 6.19
CA PHE A 76 -1.61 20.42 6.29
C PHE A 76 -0.14 20.50 5.92
N GLU A 77 0.67 19.62 6.50
CA GLU A 77 2.12 19.73 6.31
C GLU A 77 2.40 19.50 4.85
N LEU A 78 1.77 18.48 4.28
CA LEU A 78 1.99 18.14 2.89
C LEU A 78 1.74 19.38 1.98
N GLU A 79 0.62 20.06 2.19
CA GLU A 79 0.25 21.15 1.29
C GLU A 79 1.29 22.25 1.33
N ALA A 80 1.61 22.68 2.55
CA ALA A 80 2.71 23.60 2.80
C ALA A 80 3.99 23.20 2.09
N MET A 81 4.29 21.91 2.08
CA MET A 81 5.51 21.47 1.41
C MET A 81 5.43 21.72 -0.09
N LEU A 82 4.26 21.53 -0.71
CA LEU A 82 4.12 21.74 -2.17
C LEU A 82 4.18 23.22 -2.54
N GLU A 83 5.17 23.57 -3.37
CA GLU A 83 5.41 24.95 -3.86
C GLU A 83 6.07 24.88 -5.22
N ARG A 88 2.64 22.66 -7.54
CA ARG A 88 2.46 22.39 -8.96
C ARG A 88 0.96 22.07 -9.29
N GLN A 89 0.74 21.22 -10.28
CA GLN A 89 -0.52 20.55 -10.49
C GLN A 89 -0.74 19.56 -9.34
N LEU A 90 0.34 19.16 -8.68
CA LEU A 90 0.30 18.16 -7.61
C LEU A 90 -0.57 18.61 -6.41
N LEU A 91 -0.32 19.84 -5.96
CA LEU A 91 -1.12 20.51 -4.91
C LEU A 91 -2.59 20.51 -5.24
N GLU A 92 -2.91 20.95 -6.45
CA GLU A 92 -4.27 20.96 -6.92
C GLU A 92 -4.87 19.56 -6.94
N GLU A 93 -4.13 18.61 -7.49
CA GLU A 93 -4.59 17.22 -7.56
C GLU A 93 -4.89 16.65 -6.18
N ILE A 94 -4.03 16.89 -5.17
CA ILE A 94 -4.36 16.37 -3.83
C ILE A 94 -5.43 17.21 -3.11
N GLN A 95 -5.57 18.47 -3.51
CA GLN A 95 -6.66 19.33 -3.00
C GLN A 95 -7.99 18.94 -3.60
N SER A 96 -7.99 18.15 -4.67
CA SER A 96 -9.22 17.70 -5.33
C SER A 96 -9.71 16.33 -4.86
N ILE A 97 -8.99 15.70 -3.93
CA ILE A 97 -9.28 14.30 -3.62
C ILE A 97 -10.71 14.10 -3.19
N CYS A 98 -11.18 14.96 -2.30
CA CYS A 98 -12.58 15.10 -1.93
C CYS A 98 -13.11 16.39 -2.56
N PRO A 99 -14.17 16.31 -3.40
CA PRO A 99 -14.81 17.54 -3.92
C PRO A 99 -15.55 18.29 -2.81
N PRO A 100 -15.50 19.62 -2.83
CA PRO A 100 -16.04 20.40 -1.70
C PRO A 100 -17.48 20.06 -1.35
N HIS A 101 -18.23 19.57 -2.32
CA HIS A 101 -19.65 19.29 -2.17
C HIS A 101 -19.90 17.89 -1.63
N VAL A 102 -18.83 17.18 -1.33
CA VAL A 102 -18.91 15.83 -0.80
C VAL A 102 -18.43 15.87 0.66
N THR A 103 -19.12 15.12 1.52
CA THR A 103 -18.85 15.14 2.95
C THR A 103 -18.71 13.72 3.45
N ILE A 104 -17.62 13.47 4.18
CA ILE A 104 -17.36 12.19 4.83
C ILE A 104 -17.74 12.35 6.30
N MET A 105 -18.41 11.35 6.86
CA MET A 105 -18.81 11.36 8.25
C MET A 105 -18.33 10.07 8.83
N GLN A 106 -18.14 10.03 10.14
CA GLN A 106 -17.53 8.85 10.80
C GLN A 106 -18.25 8.54 12.12
N VAL A 107 -18.47 7.26 12.36
CA VAL A 107 -19.00 6.77 13.63
C VAL A 107 -18.20 5.50 13.86
N ARG A 108 -17.88 5.19 15.11
CA ARG A 108 -17.08 4.01 15.43
C ARG A 108 -17.99 2.84 15.57
N GLN A 109 -17.55 1.66 15.15
CA GLN A 109 -18.31 0.42 15.45
C GLN A 109 -18.08 -0.04 16.89
N GLY A 110 -19.09 -0.64 17.51
CA GLY A 110 -18.91 -1.15 18.89
C GLY A 110 -17.87 -2.27 18.97
N LEU A 111 -18.36 -3.47 19.26
CA LEU A 111 -17.55 -4.71 19.22
C LEU A 111 -17.28 -5.20 17.79
N ALA A 112 -16.38 -6.19 17.66
CA ALA A 112 -16.21 -6.97 16.41
C ALA A 112 -17.48 -7.79 16.18
N LYS A 113 -18.39 -7.25 15.36
CA LYS A 113 -19.81 -7.58 15.44
C LYS A 113 -20.54 -7.95 14.13
N GLY A 114 -19.82 -7.94 13.03
CA GLY A 114 -20.40 -8.28 11.74
C GLY A 114 -20.89 -7.07 10.98
N LEU A 115 -21.34 -7.34 9.76
CA LEU A 115 -21.74 -6.31 8.82
C LEU A 115 -23.10 -5.68 9.17
N GLY A 116 -24.07 -6.49 9.59
CA GLY A 116 -25.42 -5.99 9.90
C GLY A 116 -25.34 -4.98 11.02
N HIS A 117 -24.50 -5.27 12.00
CA HIS A 117 -24.20 -4.36 13.07
C HIS A 117 -23.50 -3.10 12.58
N ALA A 118 -22.51 -3.25 11.72
CA ALA A 118 -21.82 -2.08 11.17
C ALA A 118 -22.83 -1.08 10.64
N VAL A 119 -23.77 -1.57 9.85
CA VAL A 119 -24.80 -0.71 9.27
C VAL A 119 -25.68 -0.12 10.37
N MET A 120 -25.96 -0.90 11.43
CA MET A 120 -26.81 -0.45 12.56
C MET A 120 -26.23 0.78 13.25
N CYS A 121 -24.90 0.86 13.29
CA CYS A 121 -24.17 1.99 13.84
C CYS A 121 -24.38 3.26 13.07
N ALA A 122 -24.76 3.12 11.79
CA ALA A 122 -24.92 4.28 10.94
C ALA A 122 -26.34 4.82 10.95
N TRP A 123 -27.24 4.15 11.66
CA TRP A 123 -28.67 4.56 11.65
C TRP A 123 -28.95 5.95 12.20
N PRO A 124 -28.31 6.33 13.31
CA PRO A 124 -28.57 7.66 13.84
C PRO A 124 -28.11 8.80 12.94
N VAL A 125 -27.28 8.49 11.96
CA VAL A 125 -26.79 9.49 11.02
C VAL A 125 -27.79 9.63 9.90
N ILE A 126 -28.38 8.49 9.52
CA ILE A 126 -29.21 8.36 8.34
C ILE A 126 -30.67 8.64 8.72
N GLY A 127 -31.11 7.93 9.75
CA GLY A 127 -32.49 8.03 10.18
C GLY A 127 -33.29 6.99 9.43
N ASN A 128 -34.60 7.18 9.40
CA ASN A 128 -35.47 6.23 8.74
C ASN A 128 -35.63 6.57 7.25
N GLU A 129 -34.53 6.41 6.52
CA GLU A 129 -34.47 6.73 5.12
C GLU A 129 -33.82 5.57 4.40
N PRO A 130 -34.09 5.40 3.10
CA PRO A 130 -33.31 4.42 2.35
C PRO A 130 -31.80 4.72 2.43
N VAL A 131 -30.98 3.70 2.14
CA VAL A 131 -29.54 3.78 2.39
C VAL A 131 -28.74 2.87 1.43
N ALA A 132 -27.63 3.41 0.92
CA ALA A 132 -26.67 2.63 0.13
C ALA A 132 -25.58 2.07 1.04
N VAL A 133 -25.28 0.79 0.88
CA VAL A 133 -24.29 0.11 1.70
C VAL A 133 -23.21 -0.42 0.74
N ILE A 134 -21.95 -0.10 1.04
CA ILE A 134 -20.84 -0.31 0.13
C ILE A 134 -19.67 -1.03 0.85
N LEU A 135 -19.32 -2.23 0.40
CA LEU A 135 -18.21 -2.96 0.96
C LEU A 135 -16.92 -2.42 0.32
N PRO A 136 -15.99 -1.91 1.15
CA PRO A 136 -14.81 -1.15 0.66
C PRO A 136 -13.65 -1.97 0.05
N ASP A 137 -13.69 -3.28 0.15
CA ASP A 137 -12.61 -4.06 -0.49
C ASP A 137 -13.04 -4.64 -1.84
N VAL A 138 -14.30 -4.44 -2.23
CA VAL A 138 -14.72 -4.73 -3.59
C VAL A 138 -14.66 -3.43 -4.42
N ILE A 139 -14.01 -3.47 -5.57
CA ILE A 139 -13.85 -2.32 -6.44
C ILE A 139 -14.56 -2.60 -7.74
N LEU A 140 -15.45 -1.69 -8.13
CA LEU A 140 -16.17 -1.81 -9.37
C LEU A 140 -15.38 -1.13 -10.47
N ASP A 141 -15.07 -1.88 -11.52
CA ASP A 141 -14.13 -1.43 -12.50
C ASP A 141 -14.70 -0.29 -13.32
N GLU A 142 -14.06 0.87 -13.21
CA GLU A 142 -14.57 2.09 -13.80
C GLU A 142 -14.35 2.19 -15.30
N TYR A 143 -13.52 1.32 -15.86
CA TYR A 143 -13.28 1.34 -17.30
C TYR A 143 -14.25 0.45 -18.07
N GLU A 144 -14.73 -0.61 -17.42
CA GLU A 144 -15.64 -1.58 -18.04
C GLU A 144 -17.11 -1.29 -17.79
N SER A 145 -17.43 -0.31 -16.97
CA SER A 145 -18.79 0.18 -16.79
C SER A 145 -18.72 1.67 -16.84
N ASP A 146 -19.88 2.31 -16.99
CA ASP A 146 -19.99 3.72 -16.63
C ASP A 146 -20.73 3.85 -15.28
N LEU A 147 -19.96 4.17 -14.23
CA LEU A 147 -20.46 4.19 -12.84
C LEU A 147 -21.43 5.30 -12.56
N SER A 148 -21.48 6.28 -13.46
CA SER A 148 -22.46 7.35 -13.40
C SER A 148 -23.81 6.94 -14.00
N LYS A 149 -23.87 5.78 -14.66
CA LYS A 149 -25.07 5.21 -15.32
C LYS A 149 -25.38 3.77 -14.88
N ASP A 150 -24.33 2.98 -14.71
CA ASP A 150 -24.44 1.55 -14.44
C ASP A 150 -24.25 1.26 -12.98
N ASN A 151 -24.53 0.01 -12.63
CA ASN A 151 -24.25 -0.50 -11.30
C ASN A 151 -24.95 0.31 -10.22
N LEU A 152 -24.20 0.83 -9.24
CA LEU A 152 -24.81 1.57 -8.14
C LEU A 152 -25.76 2.68 -8.63
N ALA A 153 -25.30 3.44 -9.62
CA ALA A 153 -26.12 4.52 -10.18
C ALA A 153 -27.47 3.97 -10.63
N GLU A 154 -27.42 2.88 -11.41
CA GLU A 154 -28.64 2.23 -11.91
C GLU A 154 -29.54 1.67 -10.81
N MET A 155 -28.93 1.08 -9.79
CA MET A 155 -29.68 0.53 -8.67
C MET A 155 -30.44 1.62 -7.93
N ILE A 156 -29.89 2.82 -7.91
CA ILE A 156 -30.53 3.94 -7.22
C ILE A 156 -31.73 4.41 -8.06
N ARG A 157 -31.53 4.60 -9.36
CA ARG A 157 -32.65 4.94 -10.25
C ARG A 157 -33.74 3.87 -10.20
N ARG A 158 -33.36 2.60 -10.23
CA ARG A 158 -34.35 1.52 -10.12
C ARG A 158 -35.10 1.63 -8.81
N PHE A 159 -34.37 1.86 -7.72
CA PHE A 159 -35.00 2.02 -6.41
C PHE A 159 -36.01 3.19 -6.38
N ASP A 160 -35.68 4.29 -7.05
CA ASP A 160 -36.58 5.47 -7.12
C ASP A 160 -37.84 5.19 -7.94
N GLU A 161 -37.71 4.39 -8.98
CA GLU A 161 -38.83 4.00 -9.80
C GLU A 161 -39.77 3.15 -8.96
N THR A 162 -39.24 2.03 -8.46
CA THR A 162 -40.06 0.96 -7.90
C THR A 162 -40.19 0.99 -6.37
N GLY A 163 -39.22 1.59 -5.71
CA GLY A 163 -39.13 1.50 -4.26
C GLY A 163 -38.74 0.12 -3.77
N HIS A 164 -38.24 -0.77 -4.66
CA HIS A 164 -37.73 -2.09 -4.24
C HIS A 164 -36.26 -2.00 -3.91
N SER A 165 -35.84 -2.64 -2.81
CA SER A 165 -34.43 -2.82 -2.53
C SER A 165 -33.73 -3.51 -3.68
N GLN A 166 -32.43 -3.33 -3.69
CA GLN A 166 -31.57 -3.75 -4.79
C GLN A 166 -30.32 -4.37 -4.20
N ILE A 167 -30.08 -5.64 -4.50
CA ILE A 167 -28.92 -6.32 -3.98
C ILE A 167 -28.06 -6.72 -5.17
N MET A 168 -26.88 -6.12 -5.31
CA MET A 168 -26.00 -6.43 -6.45
C MET A 168 -25.41 -7.84 -6.44
N VAL A 169 -25.46 -8.50 -7.60
CA VAL A 169 -25.00 -9.87 -7.76
C VAL A 169 -24.20 -10.03 -9.04
N GLU A 170 -23.31 -11.02 -9.07
CA GLU A 170 -22.61 -11.37 -10.29
C GLU A 170 -22.38 -12.88 -10.32
N PRO A 171 -22.47 -13.48 -11.52
CA PRO A 171 -22.26 -14.93 -11.62
C PRO A 171 -20.84 -15.29 -11.22
N VAL A 172 -20.65 -16.43 -10.54
CA VAL A 172 -19.39 -16.88 -9.97
C VAL A 172 -19.22 -18.37 -10.38
N ALA A 173 -17.99 -18.85 -10.50
CA ALA A 173 -17.79 -20.28 -10.86
C ALA A 173 -18.27 -21.30 -9.82
N ASP A 174 -18.06 -20.97 -8.54
CA ASP A 174 -18.16 -21.88 -7.42
C ASP A 174 -19.25 -21.30 -6.55
N VAL A 175 -20.37 -21.99 -6.44
CA VAL A 175 -21.53 -21.43 -5.76
C VAL A 175 -21.46 -21.64 -4.24
N THR A 176 -20.64 -22.59 -3.78
CA THR A 176 -20.44 -22.84 -2.34
C THR A 176 -19.55 -21.81 -1.59
N ALA A 177 -18.99 -20.82 -2.30
CA ALA A 177 -17.96 -19.94 -1.77
C ALA A 177 -18.42 -18.54 -1.37
N TYR A 178 -19.53 -18.06 -1.94
CA TYR A 178 -20.07 -16.72 -1.63
C TYR A 178 -21.48 -16.82 -1.03
N GLY A 179 -22.14 -15.69 -0.84
CA GLY A 179 -23.59 -15.66 -0.53
C GLY A 179 -24.32 -15.59 -1.86
N VAL A 180 -25.39 -16.36 -2.00
CA VAL A 180 -26.03 -16.59 -3.29
C VAL A 180 -27.57 -16.40 -3.26
N VAL A 181 -28.08 -15.62 -4.20
CA VAL A 181 -29.48 -15.22 -4.18
C VAL A 181 -30.38 -16.21 -4.91
N ASP A 182 -31.65 -16.23 -4.51
CA ASP A 182 -32.68 -17.05 -5.13
C ASP A 182 -33.60 -16.15 -5.93
N CYS A 183 -33.52 -16.23 -7.26
CA CYS A 183 -34.40 -15.46 -8.14
C CYS A 183 -35.42 -16.37 -8.85
N GLN A 184 -35.79 -17.48 -8.19
CA GLN A 184 -36.84 -18.37 -8.66
C GLN A 184 -36.62 -18.88 -10.10
N GLY A 185 -35.36 -18.98 -10.50
CA GLY A 185 -35.00 -19.36 -11.87
C GLY A 185 -34.84 -18.22 -12.85
N ALA A 186 -35.17 -17.01 -12.43
CA ALA A 186 -35.25 -15.86 -13.34
C ALA A 186 -34.16 -15.75 -14.42
N GLN A 187 -34.61 -15.33 -15.60
CA GLN A 187 -33.74 -14.77 -16.62
C GLN A 187 -33.04 -13.51 -16.05
N LEU A 188 -31.71 -13.40 -16.17
CA LEU A 188 -31.01 -12.19 -15.70
C LEU A 188 -29.69 -11.83 -16.44
N ASN A 189 -29.68 -10.66 -17.08
CA ASN A 189 -28.54 -10.17 -17.83
C ASN A 189 -27.86 -8.99 -17.12
N PRO A 190 -26.63 -8.66 -17.53
CA PRO A 190 -26.00 -7.43 -17.02
C PRO A 190 -26.94 -6.22 -17.09
N GLY A 191 -27.04 -5.47 -15.98
CA GLY A 191 -27.91 -4.29 -15.90
C GLY A 191 -29.39 -4.50 -15.55
N ASP A 192 -29.86 -5.75 -15.60
CA ASP A 192 -31.23 -6.04 -15.25
C ASP A 192 -31.39 -6.17 -13.73
N SER A 193 -32.63 -5.90 -13.29
CA SER A 193 -33.07 -6.20 -11.94
C SER A 193 -34.24 -7.17 -12.07
N ALA A 194 -34.32 -8.14 -11.16
CA ALA A 194 -35.49 -9.03 -11.06
C ALA A 194 -35.70 -9.45 -9.61
N PRO A 195 -36.94 -9.80 -9.24
CA PRO A 195 -37.22 -10.19 -7.84
C PRO A 195 -36.37 -11.35 -7.35
N MET A 196 -35.87 -11.28 -6.12
CA MET A 196 -35.28 -12.45 -5.47
C MET A 196 -36.14 -12.86 -4.31
N VAL A 197 -36.07 -14.14 -3.95
CA VAL A 197 -36.96 -14.72 -2.94
C VAL A 197 -36.22 -15.16 -1.66
N GLY A 198 -34.89 -15.22 -1.71
CA GLY A 198 -34.09 -15.72 -0.59
C GLY A 198 -32.59 -15.51 -0.80
N VAL A 199 -31.81 -15.78 0.24
CA VAL A 199 -30.33 -15.70 0.19
C VAL A 199 -29.79 -16.78 1.10
N VAL A 200 -28.82 -17.53 0.62
CA VAL A 200 -28.18 -18.52 1.48
C VAL A 200 -26.67 -18.22 1.54
N GLU A 201 -26.06 -18.45 2.71
CA GLU A 201 -24.64 -18.21 2.90
C GLU A 201 -23.89 -19.51 2.61
N LYS A 202 -22.84 -19.41 1.79
CA LYS A 202 -22.01 -20.56 1.43
C LYS A 202 -22.82 -21.85 1.35
N PRO A 203 -23.78 -21.92 0.41
CA PRO A 203 -24.60 -23.12 0.27
C PRO A 203 -23.80 -24.34 -0.17
N LYS A 204 -24.29 -25.53 0.18
CA LYS A 204 -23.79 -26.75 -0.41
C LYS A 204 -24.28 -26.78 -1.85
N ALA A 205 -23.64 -27.63 -2.66
CA ALA A 205 -23.95 -27.69 -4.07
C ALA A 205 -25.45 -27.80 -4.28
N ASP A 206 -26.07 -28.76 -3.61
CA ASP A 206 -27.50 -29.08 -3.76
C ASP A 206 -28.46 -28.08 -3.13
N GLN A 207 -27.92 -27.16 -2.32
CA GLN A 207 -28.71 -26.13 -1.67
C GLN A 207 -28.77 -24.86 -2.50
N ALA A 208 -27.73 -24.57 -3.28
CA ALA A 208 -27.66 -23.33 -4.07
C ALA A 208 -28.88 -23.13 -4.94
N PRO A 209 -29.55 -22.01 -4.77
CA PRO A 209 -30.67 -21.72 -5.69
C PRO A 209 -30.21 -21.06 -7.00
N SER A 210 -28.93 -20.72 -7.13
CA SER A 210 -28.37 -20.16 -8.37
C SER A 210 -26.86 -20.07 -8.25
N ASN A 211 -26.23 -19.44 -9.25
CA ASN A 211 -24.82 -19.08 -9.16
C ASN A 211 -24.57 -17.56 -9.07
N LEU A 212 -25.61 -16.79 -8.80
CA LEU A 212 -25.50 -15.34 -8.70
C LEU A 212 -25.12 -14.95 -7.30
N ALA A 213 -23.87 -14.50 -7.12
CA ALA A 213 -23.31 -14.25 -5.79
C ALA A 213 -23.39 -12.78 -5.44
N VAL A 214 -23.62 -12.51 -4.16
CA VAL A 214 -23.68 -11.11 -3.70
C VAL A 214 -22.28 -10.51 -3.81
N VAL A 215 -22.24 -9.33 -4.44
CA VAL A 215 -21.01 -8.61 -4.75
C VAL A 215 -20.56 -7.69 -3.59
N GLY A 216 -21.50 -7.16 -2.83
CA GLY A 216 -21.21 -6.24 -1.73
C GLY A 216 -21.64 -4.82 -2.00
N ARG A 217 -22.81 -4.65 -2.63
CA ARG A 217 -23.41 -3.33 -2.89
C ARG A 217 -24.88 -3.49 -2.68
N TYR A 218 -25.45 -2.64 -1.83
CA TYR A 218 -26.85 -2.80 -1.45
C TYR A 218 -27.54 -1.47 -1.45
N VAL A 219 -28.70 -1.38 -2.09
CA VAL A 219 -29.54 -0.21 -1.88
C VAL A 219 -30.75 -0.69 -1.07
N LEU A 220 -30.87 -0.22 0.17
CA LEU A 220 -31.94 -0.70 1.06
C LEU A 220 -32.99 0.38 1.40
N SER A 221 -34.26 0.02 1.26
CA SER A 221 -35.34 0.92 1.65
C SER A 221 -35.27 1.12 3.18
N ALA A 222 -35.88 2.20 3.66
CA ALA A 222 -35.91 2.51 5.10
C ALA A 222 -36.50 1.37 5.95
N ASP A 223 -37.12 0.38 5.30
CA ASP A 223 -37.68 -0.76 6.02
C ASP A 223 -36.67 -1.61 6.77
N ILE A 224 -35.42 -1.68 6.33
CA ILE A 224 -34.45 -2.58 7.03
C ILE A 224 -34.18 -2.16 8.47
N TRP A 225 -34.29 -0.87 8.74
CA TRP A 225 -33.81 -0.34 10.01
C TRP A 225 -34.48 -1.01 11.22
N PRO A 226 -35.83 -1.07 11.25
CA PRO A 226 -36.50 -1.82 12.33
C PRO A 226 -36.11 -3.31 12.37
N LEU A 227 -35.93 -3.91 11.18
CA LEU A 227 -35.59 -5.33 11.07
C LEU A 227 -34.17 -5.61 11.58
N LEU A 228 -33.30 -4.61 11.45
CA LEU A 228 -31.93 -4.72 11.96
C LEU A 228 -31.86 -4.81 13.49
N ALA A 229 -32.97 -4.55 14.16
CA ALA A 229 -33.13 -4.94 15.58
C ALA A 229 -32.75 -6.41 15.86
N LYS A 230 -33.50 -7.36 15.30
CA LYS A 230 -33.28 -8.80 15.60
C LYS A 230 -31.95 -9.48 15.09
N THR A 231 -31.54 -10.53 15.82
CA THR A 231 -30.24 -11.22 15.64
C THR A 231 -30.34 -12.38 14.64
N PRO A 232 -29.20 -12.80 14.06
CA PRO A 232 -29.18 -14.04 13.26
C PRO A 232 -28.80 -15.29 14.07
N ILE A 239 -24.86 -9.49 14.50
CA ILE A 239 -25.76 -9.29 13.36
C ILE A 239 -25.07 -9.47 11.99
N GLN A 240 -25.73 -10.25 11.14
CA GLN A 240 -25.40 -10.37 9.74
C GLN A 240 -26.52 -9.78 8.94
N LEU A 241 -26.13 -9.08 7.88
CA LEU A 241 -27.04 -8.28 7.07
C LEU A 241 -28.10 -9.14 6.35
N THR A 242 -27.60 -10.14 5.64
CA THR A 242 -28.40 -11.02 4.82
C THR A 242 -29.64 -11.54 5.56
N ASP A 243 -29.45 -12.00 6.80
CA ASP A 243 -30.55 -12.49 7.65
C ASP A 243 -31.62 -11.43 7.85
N SER A 244 -31.18 -10.21 8.07
CA SER A 244 -32.09 -9.08 8.19
C SER A 244 -32.77 -8.78 6.85
N ILE A 245 -32.00 -8.85 5.76
CA ILE A 245 -32.59 -8.75 4.41
C ILE A 245 -33.69 -9.79 4.21
N ALA A 246 -33.42 -11.05 4.57
CA ALA A 246 -34.42 -12.12 4.50
C ALA A 246 -35.76 -11.69 5.12
N MET A 247 -35.70 -11.04 6.28
CA MET A 247 -36.90 -10.63 7.02
C MET A 247 -37.71 -9.56 6.28
N LEU A 248 -37.03 -8.80 5.44
CA LEU A 248 -37.64 -7.81 4.58
C LEU A 248 -38.32 -8.45 3.37
N MET A 249 -37.73 -9.53 2.87
CA MET A 249 -38.27 -10.22 1.69
C MET A 249 -39.64 -10.78 2.03
N GLU A 250 -39.82 -11.10 3.31
CA GLU A 250 -41.10 -11.55 3.82
C GLU A 250 -42.13 -10.43 3.87
N LYS A 251 -41.71 -9.22 4.19
CA LYS A 251 -42.62 -8.07 4.28
C LYS A 251 -42.83 -7.46 2.89
N GLU A 252 -41.76 -7.39 2.10
CA GLU A 252 -41.74 -6.53 0.91
C GLU A 252 -40.89 -7.14 -0.21
N THR A 253 -41.06 -6.57 -1.41
CA THR A 253 -40.35 -7.03 -2.60
C THR A 253 -38.87 -6.58 -2.63
N VAL A 254 -37.96 -7.54 -2.67
CA VAL A 254 -36.53 -7.29 -2.70
C VAL A 254 -35.90 -7.91 -3.97
N GLU A 255 -35.35 -7.07 -4.85
CA GLU A 255 -34.81 -7.49 -6.14
C GLU A 255 -33.30 -7.66 -6.12
N ALA A 256 -32.80 -8.40 -7.12
CA ALA A 256 -31.36 -8.61 -7.33
C ALA A 256 -30.93 -7.97 -8.65
N TYR A 257 -29.83 -7.23 -8.62
CA TYR A 257 -29.31 -6.48 -9.78
C TYR A 257 -28.01 -7.06 -10.29
N HIS A 258 -27.99 -7.41 -11.58
CA HIS A 258 -26.83 -8.03 -12.20
C HIS A 258 -25.72 -7.01 -12.48
N LEU A 259 -24.56 -7.25 -11.88
CA LEU A 259 -23.39 -6.42 -12.08
C LEU A 259 -23.12 -6.17 -13.56
N LYS A 260 -22.77 -4.93 -13.87
CA LYS A 260 -22.30 -4.51 -15.19
C LYS A 260 -20.80 -4.34 -15.20
N GLY A 261 -20.14 -4.72 -16.28
CA GLY A 261 -18.68 -4.75 -16.33
C GLY A 261 -18.07 -5.73 -15.31
N VAL A 262 -17.06 -5.26 -14.61
CA VAL A 262 -16.14 -6.10 -13.87
C VAL A 262 -15.99 -5.58 -12.44
N SER A 263 -15.82 -6.51 -11.50
CA SER A 263 -15.40 -6.17 -10.14
C SER A 263 -14.09 -6.85 -9.82
N HIS A 264 -13.37 -6.25 -8.87
CA HIS A 264 -12.16 -6.84 -8.34
C HIS A 264 -12.36 -6.95 -6.86
N ASP A 265 -12.15 -8.15 -6.33
CA ASP A 265 -12.21 -8.44 -4.92
C ASP A 265 -10.80 -8.23 -4.38
N CYS A 266 -10.55 -7.06 -3.81
CA CYS A 266 -9.25 -6.72 -3.32
C CYS A 266 -9.08 -7.08 -1.85
N GLY A 267 -9.98 -7.94 -1.38
CA GLY A 267 -9.95 -8.47 -0.01
C GLY A 267 -9.24 -9.81 0.09
N ASN A 268 -8.74 -10.31 -1.04
CA ASN A 268 -7.78 -11.41 -1.04
C ASN A 268 -6.53 -11.07 -1.87
N LYS A 269 -5.40 -11.67 -1.49
CA LYS A 269 -4.11 -11.23 -1.99
C LYS A 269 -4.08 -11.28 -3.49
N LEU A 270 -4.52 -12.39 -4.06
CA LEU A 270 -4.46 -12.56 -5.52
C LEU A 270 -5.38 -11.60 -6.26
N GLY A 271 -6.61 -11.41 -5.75
CA GLY A 271 -7.52 -10.46 -6.37
C GLY A 271 -6.86 -9.11 -6.38
N TYR A 272 -6.18 -8.75 -5.30
CA TYR A 272 -5.53 -7.44 -5.18
C TYR A 272 -4.32 -7.31 -6.13
N MET A 273 -3.55 -8.37 -6.28
CA MET A 273 -2.42 -8.34 -7.21
C MET A 273 -2.91 -8.33 -8.63
N GLN A 274 -4.02 -9.01 -8.88
CA GLN A 274 -4.61 -8.94 -10.22
C GLN A 274 -5.10 -7.54 -10.55
N ALA A 275 -5.79 -6.92 -9.62
CA ALA A 275 -6.34 -5.59 -9.86
C ALA A 275 -5.25 -4.54 -10.07
N PHE A 276 -4.19 -4.66 -9.27
CA PHE A 276 -3.05 -3.73 -9.31
C PHE A 276 -2.48 -3.71 -10.73
N VAL A 277 -2.31 -4.88 -11.31
CA VAL A 277 -1.83 -4.98 -12.68
C VAL A 277 -2.83 -4.41 -13.69
N GLU A 278 -4.08 -4.83 -13.59
CA GLU A 278 -5.12 -4.37 -14.52
C GLU A 278 -5.25 -2.84 -14.50
N TYR A 279 -5.20 -2.20 -13.32
CA TYR A 279 -5.26 -0.74 -13.21
C TYR A 279 -3.93 -0.16 -13.60
N GLY A 280 -2.89 -0.95 -13.34
CA GLY A 280 -1.53 -0.59 -13.72
C GLY A 280 -1.41 -0.37 -15.21
N VAL A 281 -2.09 -1.20 -15.99
CA VAL A 281 -2.00 -1.08 -17.43
C VAL A 281 -2.82 0.11 -17.94
N ARG A 282 -3.89 0.46 -17.23
CA ARG A 282 -4.78 1.58 -17.62
C ARG A 282 -4.40 2.94 -17.05
N HIS A 283 -3.37 2.99 -16.20
CA HIS A 283 -3.00 4.25 -15.57
C HIS A 283 -2.74 5.27 -16.67
N GLU A 284 -3.22 6.47 -16.50
CA GLU A 284 -3.31 7.34 -17.70
C GLU A 284 -2.11 8.25 -17.99
N THR A 285 -1.04 8.13 -17.21
CA THR A 285 0.27 8.65 -17.60
C THR A 285 1.38 7.58 -17.67
N LEU A 286 1.18 6.44 -17.01
CA LEU A 286 2.17 5.37 -16.89
C LEU A 286 1.68 4.02 -17.47
N GLY A 287 0.45 4.00 -17.96
CA GLY A 287 -0.12 2.76 -18.51
C GLY A 287 0.68 2.15 -19.63
N SER A 288 1.13 2.97 -20.58
CA SER A 288 1.79 2.47 -21.79
C SER A 288 3.21 1.94 -21.55
N ASP A 289 3.96 2.67 -20.75
CA ASP A 289 5.29 2.23 -20.33
C ASP A 289 5.21 0.91 -19.57
N PHE A 290 4.25 0.84 -18.65
CA PHE A 290 4.02 -0.34 -17.82
C PHE A 290 3.56 -1.49 -18.67
N LYS A 291 2.59 -1.23 -19.55
CA LYS A 291 2.09 -2.22 -20.52
C LYS A 291 3.20 -2.77 -21.38
N ALA A 292 4.00 -1.89 -21.96
CA ALA A 292 5.12 -2.33 -22.75
C ALA A 292 6.08 -3.15 -21.88
N TRP A 293 6.59 -2.55 -20.80
CA TRP A 293 7.50 -3.27 -19.91
C TRP A 293 6.99 -4.68 -19.66
N LEU A 294 5.70 -4.78 -19.36
CA LEU A 294 5.10 -6.07 -19.08
C LEU A 294 5.35 -7.05 -20.22
N GLU A 295 4.88 -6.69 -21.41
CA GLU A 295 4.88 -7.60 -22.54
C GLU A 295 6.27 -8.14 -22.82
N SER A 296 7.28 -7.26 -22.76
CA SER A 296 8.68 -7.67 -22.88
C SER A 296 9.14 -8.60 -21.76
N ALA A 297 8.69 -8.32 -20.54
CA ALA A 297 9.12 -9.08 -19.36
C ALA A 297 8.33 -10.37 -19.11
N VAL A 298 7.31 -10.65 -19.92
CA VAL A 298 6.50 -11.84 -19.74
C VAL A 298 6.63 -12.72 -20.97
N ASN B 5 33.69 -9.81 15.31
CA ASN B 5 32.55 -8.84 15.14
C ASN B 5 33.01 -7.59 14.42
N SER B 6 32.04 -6.88 13.84
CA SER B 6 32.24 -5.58 13.20
C SER B 6 32.01 -4.49 14.24
N LYS B 7 32.62 -3.33 14.03
CA LYS B 7 32.27 -2.16 14.84
C LYS B 7 31.07 -1.41 14.27
N VAL B 8 30.58 -1.89 13.12
CA VAL B 8 29.32 -1.41 12.52
C VAL B 8 28.16 -2.23 13.08
N LYS B 9 27.61 -1.74 14.17
CA LYS B 9 26.61 -2.47 14.94
C LYS B 9 25.20 -1.94 14.72
N LYS B 10 25.08 -0.77 14.07
CA LYS B 10 23.81 -0.11 13.85
C LYS B 10 23.67 0.40 12.43
N ALA B 11 22.42 0.40 11.93
CA ALA B 11 22.01 0.95 10.61
C ALA B 11 21.01 2.13 10.73
N VAL B 12 21.35 3.25 10.11
CA VAL B 12 20.50 4.43 10.09
C VAL B 12 19.55 4.31 8.90
N ILE B 13 18.25 4.54 9.10
CA ILE B 13 17.25 4.50 8.00
C ILE B 13 16.41 5.79 8.05
N PRO B 14 16.76 6.78 7.22
CA PRO B 14 16.00 8.01 7.20
C PRO B 14 14.63 7.80 6.59
N VAL B 15 13.58 7.84 7.41
CA VAL B 15 12.23 7.60 6.93
C VAL B 15 11.36 8.81 7.22
N ALA B 16 11.95 10.00 7.33
CA ALA B 16 11.15 11.17 7.73
C ALA B 16 10.55 11.96 6.57
N GLY B 17 10.88 11.60 5.33
CA GLY B 17 10.43 12.36 4.19
C GLY B 17 8.99 12.06 3.89
N LEU B 18 8.25 13.09 3.49
CA LEU B 18 6.95 12.90 2.87
C LEU B 18 7.18 12.49 1.41
N GLY B 19 6.45 11.47 0.96
CA GLY B 19 6.70 10.89 -0.37
C GLY B 19 5.96 11.48 -1.56
N THR B 20 6.37 12.68 -1.97
CA THR B 20 5.70 13.44 -3.01
C THR B 20 5.73 12.86 -4.43
N ARG B 21 6.64 11.93 -4.70
CA ARG B 21 6.67 11.27 -6.00
C ARG B 21 5.63 10.14 -6.08
N MET B 22 5.19 9.64 -4.93
CA MET B 22 4.26 8.52 -4.87
C MET B 22 2.82 8.94 -4.50
N LEU B 23 2.54 10.23 -4.61
CA LEU B 23 1.21 10.77 -4.35
C LEU B 23 0.18 10.35 -5.41
N PRO B 24 -1.09 10.20 -5.01
CA PRO B 24 -1.70 10.47 -3.70
C PRO B 24 -1.73 9.27 -2.75
N ALA B 25 -1.18 8.14 -3.14
CA ALA B 25 -1.20 6.98 -2.25
C ALA B 25 -0.59 7.29 -0.90
N THR B 26 0.47 8.10 -0.91
CA THR B 26 1.23 8.48 0.28
C THR B 26 0.71 9.75 0.93
N LYS B 27 -0.46 10.21 0.55
CA LYS B 27 -1.00 11.39 1.16
C LYS B 27 -1.08 11.18 2.69
N ALA B 28 -1.59 10.03 3.11
CA ALA B 28 -1.86 9.83 4.50
C ALA B 28 -1.30 8.53 4.96
N ILE B 29 -0.47 7.93 4.14
CA ILE B 29 0.38 6.84 4.66
C ILE B 29 1.84 7.01 4.23
N PRO B 30 2.76 6.45 5.02
CA PRO B 30 4.17 6.61 4.73
C PRO B 30 4.51 5.90 3.46
N LYS B 31 5.30 6.52 2.60
CA LYS B 31 5.84 5.82 1.43
C LYS B 31 6.57 4.55 1.81
N GLU B 32 7.10 4.47 3.04
CA GLU B 32 7.80 3.26 3.49
C GLU B 32 6.86 2.09 3.76
N MET B 33 5.55 2.34 3.76
CA MET B 33 4.60 1.28 4.10
C MET B 33 3.80 0.82 2.90
N LEU B 34 4.16 1.28 1.71
CA LEU B 34 3.51 0.82 0.53
C LEU B 34 3.84 -0.65 0.43
N PRO B 35 2.83 -1.48 0.17
CA PRO B 35 3.10 -2.89 0.08
C PRO B 35 3.79 -3.28 -1.23
N LEU B 36 4.70 -4.21 -1.12
CA LEU B 36 5.26 -4.87 -2.28
C LEU B 36 4.71 -6.26 -2.20
N VAL B 37 3.72 -6.54 -3.04
CA VAL B 37 2.74 -7.60 -2.85
C VAL B 37 2.00 -7.51 -1.50
N ASP B 38 2.54 -8.12 -0.45
CA ASP B 38 1.83 -8.25 0.84
C ASP B 38 2.65 -7.85 2.06
N LYS B 39 3.83 -7.27 1.82
CA LYS B 39 4.71 -6.76 2.90
C LYS B 39 5.16 -5.35 2.56
N PRO B 40 5.30 -4.51 3.56
CA PRO B 40 5.63 -3.15 3.25
C PRO B 40 7.07 -3.00 2.87
N LEU B 41 7.38 -1.98 2.09
CA LEU B 41 8.77 -1.71 1.69
C LEU B 41 9.76 -1.84 2.84
N ILE B 42 9.42 -1.20 3.97
CA ILE B 42 10.31 -1.12 5.12
C ILE B 42 10.65 -2.47 5.72
N GLN B 43 9.76 -3.45 5.56
CA GLN B 43 9.99 -4.79 6.10
C GLN B 43 11.07 -5.51 5.28
N TYR B 44 11.10 -5.34 3.97
CA TYR B 44 12.22 -5.93 3.20
C TYR B 44 13.54 -5.27 3.65
N VAL B 45 13.55 -3.94 3.73
CA VAL B 45 14.78 -3.22 4.09
C VAL B 45 15.33 -3.56 5.50
N VAL B 46 14.46 -3.83 6.44
CA VAL B 46 14.91 -4.16 7.78
C VAL B 46 15.46 -5.57 7.75
N ASN B 47 14.80 -6.43 6.98
CA ASN B 47 15.29 -7.78 6.83
C ASN B 47 16.66 -7.83 6.22
N GLU B 48 16.91 -6.96 5.25
CA GLU B 48 18.22 -6.84 4.59
C GLU B 48 19.31 -6.49 5.59
N CYS B 49 19.02 -5.48 6.43
CA CYS B 49 19.94 -5.13 7.53
C CYS B 49 20.17 -6.33 8.42
N ILE B 50 19.08 -6.99 8.83
CA ILE B 50 19.22 -8.15 9.71
C ILE B 50 20.16 -9.18 9.10
N ALA B 51 19.96 -9.43 7.81
CA ALA B 51 20.74 -10.46 7.09
C ALA B 51 22.23 -10.08 6.99
N ALA B 52 22.50 -8.78 6.91
CA ALA B 52 23.85 -8.26 6.91
C ALA B 52 24.48 -8.29 8.30
N GLY B 53 23.71 -8.74 9.29
CA GLY B 53 24.21 -8.93 10.66
C GLY B 53 23.94 -7.75 11.58
N ILE B 54 23.27 -6.73 11.08
CA ILE B 54 22.96 -5.57 11.90
C ILE B 54 21.72 -5.85 12.73
N ASN B 55 21.82 -5.72 14.05
CA ASN B 55 20.71 -6.08 14.95
C ASN B 55 20.04 -4.87 15.60
N GLU B 56 20.53 -3.67 15.27
CA GLU B 56 20.12 -2.43 15.90
C GLU B 56 19.84 -1.37 14.84
N ILE B 57 18.58 -0.98 14.72
CA ILE B 57 18.15 -0.10 13.61
C ILE B 57 17.61 1.23 14.10
N VAL B 58 18.17 2.32 13.59
CA VAL B 58 17.80 3.67 13.98
C VAL B 58 17.00 4.35 12.84
N LEU B 59 15.68 4.44 13.03
CA LEU B 59 14.80 5.24 12.14
C LEU B 59 14.90 6.68 12.51
N VAL B 60 15.09 7.52 11.51
CA VAL B 60 15.02 8.93 11.70
C VAL B 60 13.69 9.31 11.07
N THR B 61 12.73 9.71 11.90
CA THR B 61 11.35 9.78 11.44
C THR B 61 10.61 11.10 11.66
N HIS B 62 9.34 11.06 11.25
CA HIS B 62 8.45 12.21 11.23
C HIS B 62 7.22 11.84 12.06
N SER B 63 6.51 12.83 12.59
CA SER B 63 5.34 12.64 13.43
C SER B 63 4.23 11.82 12.87
N SER B 64 4.12 11.78 11.57
CA SER B 64 2.98 11.14 10.92
C SER B 64 3.31 9.70 10.50
N LYS B 65 4.37 9.12 11.02
CA LYS B 65 4.86 7.83 10.53
C LYS B 65 4.88 6.73 11.60
N ASN B 66 4.09 6.92 12.65
CA ASN B 66 3.98 5.93 13.73
C ASN B 66 3.75 4.50 13.26
N SER B 67 3.13 4.34 12.11
CA SER B 67 2.70 3.05 11.58
C SER B 67 3.90 2.22 11.21
N ILE B 68 4.98 2.88 10.79
CA ILE B 68 6.22 2.16 10.58
C ILE B 68 6.63 1.43 11.86
N GLU B 69 6.59 2.12 13.01
CA GLU B 69 6.99 1.54 14.29
C GLU B 69 5.99 0.50 14.77
N ASN B 70 4.71 0.72 14.50
CA ASN B 70 3.71 -0.22 14.90
C ASN B 70 3.92 -1.53 14.14
N HIS B 71 4.35 -1.41 12.90
CA HIS B 71 4.51 -2.62 12.07
C HIS B 71 5.48 -3.66 12.68
N PHE B 72 6.51 -3.19 13.38
CA PHE B 72 7.46 -4.07 14.08
C PHE B 72 7.24 -4.23 15.55
N ASP B 73 6.29 -3.48 16.10
CA ASP B 73 6.02 -3.59 17.53
C ASP B 73 4.97 -4.66 17.70
N THR B 74 4.60 -4.95 18.93
CA THR B 74 3.40 -5.76 19.13
C THR B 74 2.15 -4.97 18.69
N SER B 75 1.31 -5.63 17.90
CA SER B 75 -0.01 -5.15 17.56
C SER B 75 -1.00 -5.90 18.42
N PHE B 76 -1.43 -5.28 19.53
CA PHE B 76 -2.13 -6.04 20.59
C PHE B 76 -3.49 -6.59 20.20
N GLU B 77 -4.34 -5.75 19.62
CA GLU B 77 -5.71 -6.18 19.29
C GLU B 77 -5.65 -7.27 18.24
N LEU B 78 -4.80 -7.07 17.24
CA LEU B 78 -4.65 -8.06 16.16
C LEU B 78 -4.29 -9.43 16.70
N GLU B 79 -3.34 -9.49 17.61
CA GLU B 79 -2.89 -10.78 18.12
C GLU B 79 -4.03 -11.49 18.85
N ALA B 80 -4.66 -10.78 19.78
CA ALA B 80 -5.88 -11.27 20.45
C ALA B 80 -6.92 -11.78 19.46
N MET B 81 -7.04 -11.10 18.34
CA MET B 81 -7.93 -11.52 17.27
C MET B 81 -7.62 -12.96 16.82
N LEU B 82 -6.35 -13.24 16.57
CA LEU B 82 -5.94 -14.52 16.03
C LEU B 82 -6.05 -15.60 17.10
N GLU B 83 -6.93 -16.56 16.87
CA GLU B 83 -7.43 -17.48 17.91
C GLU B 83 -8.92 -17.80 17.62
N ARG B 88 -3.34 -20.17 14.60
CA ARG B 88 -2.64 -21.05 13.67
C ARG B 88 -1.26 -20.40 13.32
N GLN B 89 -0.82 -20.53 12.08
CA GLN B 89 0.45 -20.01 11.63
C GLN B 89 0.53 -18.50 11.55
N LEU B 90 -0.63 -17.88 11.34
CA LEU B 90 -0.70 -16.44 11.05
C LEU B 90 -0.15 -15.62 12.21
N LEU B 91 -0.60 -15.96 13.40
CA LEU B 91 -0.14 -15.37 14.66
C LEU B 91 1.36 -15.44 14.78
N GLU B 92 1.89 -16.63 14.56
CA GLU B 92 3.32 -16.86 14.64
C GLU B 92 4.04 -15.99 13.59
N GLU B 93 3.54 -16.02 12.38
CA GLU B 93 4.12 -15.24 11.29
C GLU B 93 4.16 -13.74 11.59
N ILE B 94 3.10 -13.17 12.15
CA ILE B 94 3.16 -11.74 12.49
C ILE B 94 3.95 -11.49 13.79
N GLN B 95 4.07 -12.51 14.64
CA GLN B 95 4.91 -12.43 15.85
C GLN B 95 6.38 -12.54 15.50
N SER B 96 6.69 -12.97 14.28
CA SER B 96 8.09 -13.09 13.82
C SER B 96 8.59 -11.89 13.04
N ILE B 97 7.75 -10.86 12.87
CA ILE B 97 8.11 -9.79 11.96
C ILE B 97 9.43 -9.14 12.38
N CYS B 98 9.59 -8.89 13.68
CA CYS B 98 10.86 -8.48 14.29
C CYS B 98 11.36 -9.62 15.17
N PRO B 99 12.57 -10.14 14.90
CA PRO B 99 13.14 -11.15 15.77
C PRO B 99 13.51 -10.56 17.13
N PRO B 100 13.29 -11.30 18.21
CA PRO B 100 13.53 -10.77 19.55
C PRO B 100 14.92 -10.16 19.78
N HIS B 101 15.91 -10.62 19.01
CA HIS B 101 17.27 -10.15 19.15
C HIS B 101 17.54 -8.89 18.33
N VAL B 102 16.51 -8.37 17.67
CA VAL B 102 16.63 -7.16 16.86
C VAL B 102 15.88 -6.05 17.58
N THR B 103 16.42 -4.83 17.55
CA THR B 103 15.84 -3.68 18.24
C THR B 103 15.75 -2.48 17.29
N ILE B 104 14.55 -1.90 17.20
CA ILE B 104 14.31 -0.69 16.40
C ILE B 104 14.34 0.48 17.33
N MET B 105 15.02 1.54 16.93
CA MET B 105 15.11 2.75 17.75
C MET B 105 14.66 3.86 16.85
N GLN B 106 14.16 4.93 17.45
CA GLN B 106 13.62 6.03 16.68
C GLN B 106 14.09 7.35 17.30
N VAL B 107 14.38 8.29 16.45
CA VAL B 107 14.60 9.67 16.83
C VAL B 107 13.88 10.46 15.72
N ARG B 108 13.33 11.60 16.05
CA ARG B 108 12.62 12.46 15.09
C ARG B 108 13.62 13.37 14.41
N GLN B 109 13.43 13.64 13.13
CA GLN B 109 14.25 14.64 12.44
C GLN B 109 13.76 16.04 12.79
N GLY B 110 14.66 17.03 12.83
CA GLY B 110 14.23 18.42 13.09
C GLY B 110 13.32 19.00 11.99
N LEU B 111 13.88 19.97 11.26
CA LEU B 111 13.26 20.53 10.04
C LEU B 111 13.35 19.56 8.83
N ALA B 112 12.60 19.90 7.78
CA ALA B 112 12.75 19.24 6.46
C ALA B 112 14.12 19.66 5.89
N LYS B 113 15.12 18.81 6.10
CA LYS B 113 16.52 19.26 6.14
C LYS B 113 17.52 18.44 5.28
N GLY B 114 17.04 17.42 4.57
CA GLY B 114 17.90 16.61 3.71
C GLY B 114 18.45 15.37 4.41
N LEU B 115 19.19 14.57 3.63
CA LEU B 115 19.74 13.28 4.07
C LEU B 115 20.93 13.38 5.04
N GLY B 116 21.85 14.32 4.77
CA GLY B 116 23.00 14.49 5.65
C GLY B 116 22.57 14.82 7.06
N HIS B 117 21.58 15.70 7.15
CA HIS B 117 20.97 16.09 8.42
C HIS B 117 20.25 14.91 9.09
N ALA B 118 19.49 14.14 8.31
CA ALA B 118 18.85 12.95 8.86
C ALA B 118 19.87 12.11 9.63
N VAL B 119 21.02 11.83 8.99
CA VAL B 119 22.05 10.99 9.60
C VAL B 119 22.62 11.67 10.84
N MET B 120 22.74 13.00 10.81
CA MET B 120 23.21 13.78 11.97
C MET B 120 22.37 13.57 13.22
N CYS B 121 21.07 13.43 13.02
CA CYS B 121 20.10 13.19 14.10
C CYS B 121 20.34 11.86 14.80
N ALA B 122 21.01 10.95 14.11
CA ALA B 122 21.23 9.62 14.64
C ALA B 122 22.54 9.51 15.41
N TRP B 123 23.35 10.57 15.41
CA TRP B 123 24.67 10.55 16.07
C TRP B 123 24.62 10.29 17.58
N PRO B 124 23.63 10.87 18.29
CA PRO B 124 23.63 10.66 19.75
C PRO B 124 23.24 9.25 20.15
N VAL B 125 22.73 8.48 19.19
CA VAL B 125 22.35 7.12 19.43
C VAL B 125 23.57 6.25 19.23
N ILE B 126 24.37 6.64 18.26
CA ILE B 126 25.44 5.80 17.79
C ILE B 126 26.77 6.23 18.45
N GLY B 127 27.05 7.52 18.46
CA GLY B 127 28.31 8.04 19.00
C GLY B 127 29.36 8.10 17.90
N ASN B 128 30.62 8.14 18.30
CA ASN B 128 31.70 8.18 17.36
C ASN B 128 32.12 6.79 16.95
N GLU B 129 31.24 6.14 16.20
CA GLU B 129 31.47 4.78 15.73
C GLU B 129 31.15 4.74 14.25
N PRO B 130 31.71 3.76 13.51
CA PRO B 130 31.23 3.58 12.14
C PRO B 130 29.71 3.28 12.07
N VAL B 131 29.10 3.48 10.91
CA VAL B 131 27.66 3.45 10.77
C VAL B 131 27.20 3.04 9.36
N ALA B 132 26.16 2.20 9.30
CA ALA B 132 25.48 1.87 8.05
C ALA B 132 24.31 2.82 7.82
N VAL B 133 24.19 3.35 6.61
CA VAL B 133 23.11 4.24 6.25
C VAL B 133 22.34 3.64 5.08
N ILE B 134 21.01 3.57 5.21
CA ILE B 134 20.17 2.75 4.32
C ILE B 134 18.95 3.56 3.84
N LEU B 135 18.85 3.80 2.53
CA LEU B 135 17.74 4.52 1.97
C LEU B 135 16.57 3.56 1.80
N PRO B 136 15.40 3.85 2.46
CA PRO B 136 14.30 2.90 2.58
C PRO B 136 13.41 2.71 1.34
N ASP B 137 13.60 3.48 0.28
CA ASP B 137 12.78 3.29 -0.92
C ASP B 137 13.53 2.54 -2.01
N VAL B 138 14.80 2.25 -1.77
CA VAL B 138 15.56 1.32 -2.61
C VAL B 138 15.56 -0.09 -1.96
N ILE B 139 15.19 -1.09 -2.73
CA ILE B 139 15.06 -2.45 -2.23
C ILE B 139 16.07 -3.29 -2.99
N LEU B 140 16.90 -4.02 -2.25
CA LEU B 140 17.89 -4.90 -2.82
C LEU B 140 17.29 -6.27 -2.97
N ASP B 141 17.29 -6.77 -4.20
CA ASP B 141 16.53 -7.94 -4.54
C ASP B 141 17.08 -9.19 -3.90
N GLU B 142 16.26 -9.81 -3.05
CA GLU B 142 16.73 -10.90 -2.19
C GLU B 142 16.87 -12.22 -2.91
N TYR B 143 16.36 -12.31 -4.13
CA TYR B 143 16.43 -13.56 -4.87
C TYR B 143 17.65 -13.59 -5.74
N GLU B 144 18.10 -12.41 -6.18
CA GLU B 144 19.26 -12.28 -7.06
C GLU B 144 20.58 -12.05 -6.35
N SER B 145 20.54 -11.88 -5.04
CA SER B 145 21.75 -11.82 -4.24
C SER B 145 21.50 -12.69 -3.03
N ASP B 146 22.57 -13.03 -2.32
CA ASP B 146 22.44 -13.49 -0.94
C ASP B 146 22.88 -12.34 -0.01
N LEU B 147 21.87 -11.72 0.61
CA LEU B 147 22.06 -10.52 1.41
C LEU B 147 22.83 -10.75 2.71
N SER B 148 22.97 -12.03 3.08
CA SER B 148 23.75 -12.44 4.25
C SER B 148 25.20 -12.48 3.95
N LYS B 149 25.57 -12.27 2.70
CA LYS B 149 27.02 -12.09 2.39
C LYS B 149 27.35 -11.22 1.21
N ASP B 150 26.37 -10.88 0.38
CA ASP B 150 26.57 -9.92 -0.70
C ASP B 150 26.12 -8.56 -0.23
N ASN B 151 26.45 -7.57 -1.04
CA ASN B 151 25.97 -6.22 -0.87
C ASN B 151 26.32 -5.66 0.51
N LEU B 152 25.32 -5.23 1.28
CA LEU B 152 25.59 -4.64 2.59
C LEU B 152 26.47 -5.53 3.47
N ALA B 153 26.17 -6.83 3.51
CA ALA B 153 26.97 -7.78 4.29
C ALA B 153 28.46 -7.69 3.89
N GLU B 154 28.73 -7.77 2.58
CA GLU B 154 30.07 -7.69 2.05
C GLU B 154 30.77 -6.36 2.34
N MET B 155 30.03 -5.26 2.22
CA MET B 155 30.57 -3.94 2.50
C MET B 155 31.01 -3.82 3.95
N ILE B 156 30.32 -4.52 4.85
CA ILE B 156 30.66 -4.48 6.28
C ILE B 156 31.96 -5.26 6.51
N ARG B 157 32.04 -6.48 5.97
CA ARG B 157 33.26 -7.27 6.09
C ARG B 157 34.44 -6.56 5.41
N ARG B 158 34.23 -5.94 4.26
CA ARG B 158 35.26 -5.12 3.63
C ARG B 158 35.71 -3.98 4.56
N PHE B 159 34.74 -3.30 5.16
CA PHE B 159 35.04 -2.19 6.07
C PHE B 159 35.87 -2.67 7.28
N ASP B 160 35.57 -3.85 7.81
CA ASP B 160 36.34 -4.42 8.92
C ASP B 160 37.77 -4.78 8.52
N GLU B 161 37.94 -5.24 7.28
CA GLU B 161 39.24 -5.62 6.78
C GLU B 161 40.09 -4.37 6.67
N THR B 162 39.60 -3.42 5.91
CA THR B 162 40.40 -2.27 5.48
C THR B 162 40.20 -0.99 6.30
N GLY B 163 39.04 -0.87 6.93
CA GLY B 163 38.68 0.38 7.59
C GLY B 163 38.37 1.50 6.60
N HIS B 164 38.15 1.17 5.32
CA HIS B 164 37.68 2.15 4.33
C HIS B 164 36.18 2.20 4.27
N SER B 165 35.61 3.40 4.19
CA SER B 165 34.20 3.56 3.89
C SER B 165 33.85 2.89 2.57
N GLN B 166 32.55 2.61 2.43
CA GLN B 166 32.03 1.84 1.34
C GLN B 166 30.75 2.50 0.85
N ILE B 167 30.73 2.90 -0.42
CA ILE B 167 29.56 3.55 -1.00
C ILE B 167 29.04 2.69 -2.11
N MET B 168 27.86 2.10 -1.93
CA MET B 168 27.32 1.20 -2.95
C MET B 168 26.93 1.91 -4.27
N VAL B 169 27.29 1.28 -5.38
CA VAL B 169 27.04 1.82 -6.72
C VAL B 169 26.57 0.74 -7.67
N GLU B 170 25.86 1.13 -8.72
CA GLU B 170 25.49 0.20 -9.78
C GLU B 170 25.48 0.93 -11.12
N PRO B 171 25.89 0.25 -12.21
CA PRO B 171 25.90 0.87 -13.53
C PRO B 171 24.48 1.20 -13.94
N VAL B 172 24.27 2.33 -14.61
CA VAL B 172 22.87 2.80 -14.70
C VAL B 172 21.96 2.72 -15.91
N ALA B 173 20.70 3.03 -15.61
CA ALA B 173 19.61 3.16 -16.54
C ALA B 173 19.48 4.66 -16.81
N ASP B 174 20.63 5.30 -17.08
CA ASP B 174 20.66 6.67 -17.64
C ASP B 174 22.03 7.02 -18.24
N VAL B 175 22.72 8.14 -17.93
CA VAL B 175 23.31 8.59 -16.65
C VAL B 175 22.91 9.90 -15.90
N THR B 176 22.26 10.85 -16.58
CA THR B 176 22.07 12.20 -15.99
C THR B 176 21.19 12.24 -14.74
N ALA B 177 20.66 11.09 -14.34
CA ALA B 177 19.59 11.05 -13.38
C ALA B 177 20.09 10.87 -11.98
N TYR B 178 21.29 10.31 -11.83
CA TYR B 178 21.81 9.93 -10.53
C TYR B 178 23.09 10.67 -10.11
N GLY B 179 23.57 10.37 -8.90
CA GLY B 179 24.88 10.80 -8.44
C GLY B 179 25.85 9.72 -8.86
N VAL B 180 27.02 10.14 -9.36
CA VAL B 180 27.95 9.21 -10.01
C VAL B 180 29.37 9.35 -9.48
N VAL B 181 29.97 8.21 -9.14
CA VAL B 181 31.28 8.19 -8.49
C VAL B 181 32.45 8.22 -9.47
N ASP B 182 33.57 8.75 -9.00
CA ASP B 182 34.82 8.79 -9.76
C ASP B 182 35.80 7.76 -9.19
N CYS B 183 36.05 6.69 -9.94
CA CYS B 183 36.98 5.65 -9.54
C CYS B 183 38.27 5.69 -10.38
N GLN B 184 38.63 6.87 -10.86
CA GLN B 184 39.89 7.10 -11.60
C GLN B 184 40.12 6.17 -12.80
N GLY B 185 39.02 5.81 -13.45
CA GLY B 185 39.01 4.94 -14.63
C GLY B 185 38.49 3.55 -14.30
N ALA B 186 38.75 3.09 -13.08
CA ALA B 186 38.77 1.66 -12.80
C ALA B 186 37.56 0.86 -13.30
N GLN B 187 37.87 -0.30 -13.85
CA GLN B 187 36.92 -1.38 -14.08
C GLN B 187 36.52 -1.93 -12.73
N LEU B 188 35.32 -2.46 -12.65
CA LEU B 188 34.78 -2.86 -11.37
C LEU B 188 33.67 -3.85 -11.69
N ASN B 189 33.72 -5.03 -11.06
CA ASN B 189 32.70 -6.06 -11.26
C ASN B 189 31.75 -6.13 -10.06
N PRO B 190 30.57 -6.74 -10.26
CA PRO B 190 29.73 -7.06 -9.12
C PRO B 190 30.54 -7.67 -7.95
N GLY B 191 30.31 -7.14 -6.73
CA GLY B 191 30.99 -7.62 -5.53
C GLY B 191 32.35 -7.02 -5.21
N ASP B 192 32.97 -6.34 -6.16
CA ASP B 192 34.26 -5.72 -5.91
C ASP B 192 34.10 -4.38 -5.23
N SER B 193 35.15 -3.99 -4.51
CA SER B 193 35.34 -2.64 -3.99
C SER B 193 36.61 -2.08 -4.61
N ALA B 194 36.60 -0.80 -4.94
CA ALA B 194 37.82 -0.11 -5.36
C ALA B 194 37.75 1.36 -4.92
N PRO B 195 38.91 2.00 -4.71
CA PRO B 195 38.91 3.42 -4.32
C PRO B 195 38.10 4.35 -5.26
N MET B 196 37.36 5.29 -4.68
CA MET B 196 36.77 6.40 -5.46
C MET B 196 37.38 7.71 -5.03
N VAL B 197 37.41 8.68 -5.94
CA VAL B 197 38.12 9.95 -5.73
C VAL B 197 37.17 11.15 -5.62
N GLY B 198 35.91 10.97 -6.01
CA GLY B 198 34.95 12.06 -6.05
C GLY B 198 33.53 11.60 -6.34
N VAL B 199 32.58 12.53 -6.26
CA VAL B 199 31.16 12.27 -6.58
C VAL B 199 30.58 13.53 -7.23
N VAL B 200 29.88 13.38 -8.35
CA VAL B 200 29.22 14.52 -8.96
C VAL B 200 27.73 14.24 -9.03
N GLU B 201 26.93 15.28 -8.84
CA GLU B 201 25.48 15.15 -8.85
C GLU B 201 24.99 15.42 -10.26
N LYS B 202 24.12 14.53 -10.76
CA LYS B 202 23.50 14.68 -12.08
C LYS B 202 24.45 15.35 -13.08
N PRO B 203 25.60 14.71 -13.38
CA PRO B 203 26.56 15.30 -14.33
C PRO B 203 26.01 15.32 -15.74
N LYS B 204 26.49 16.23 -16.58
CA LYS B 204 26.22 16.16 -18.01
C LYS B 204 26.99 14.97 -18.55
N ALA B 205 26.58 14.49 -19.72
CA ALA B 205 27.19 13.31 -20.33
C ALA B 205 28.71 13.44 -20.31
N ASP B 206 29.21 14.55 -20.83
CA ASP B 206 30.66 14.81 -20.96
C ASP B 206 31.40 15.10 -19.65
N GLN B 207 30.66 15.28 -18.56
CA GLN B 207 31.23 15.56 -17.23
C GLN B 207 31.41 14.30 -16.39
N ALA B 208 30.55 13.31 -16.62
CA ALA B 208 30.54 12.09 -15.82
C ALA B 208 31.91 11.42 -15.75
N PRO B 209 32.40 11.16 -14.52
CA PRO B 209 33.64 10.38 -14.42
C PRO B 209 33.42 8.85 -14.53
N SER B 210 32.17 8.40 -14.62
CA SER B 210 31.85 6.99 -14.90
C SER B 210 30.34 6.86 -15.11
N ASN B 211 29.85 5.63 -15.22
CA ASN B 211 28.40 5.38 -15.21
C ASN B 211 27.92 4.64 -13.96
N LEU B 212 28.78 4.60 -12.94
CA LEU B 212 28.46 3.93 -11.70
C LEU B 212 27.72 4.90 -10.77
N ALA B 213 26.43 4.65 -10.58
CA ALA B 213 25.57 5.56 -9.82
C ALA B 213 25.40 5.11 -8.38
N VAL B 214 25.30 6.08 -7.46
CA VAL B 214 25.07 5.76 -6.04
C VAL B 214 23.70 5.18 -5.91
N VAL B 215 23.64 4.03 -5.23
CA VAL B 215 22.41 3.25 -5.05
C VAL B 215 21.58 3.70 -3.82
N GLY B 216 22.26 4.11 -2.75
CA GLY B 216 21.61 4.44 -1.49
C GLY B 216 21.92 3.47 -0.37
N ARG B 217 23.16 3.02 -0.29
CA ARG B 217 23.65 2.18 0.83
C ARG B 217 25.06 2.64 1.13
N TYR B 218 25.35 2.95 2.39
CA TYR B 218 26.63 3.51 2.76
C TYR B 218 27.14 2.87 4.03
N VAL B 219 28.41 2.46 4.06
CA VAL B 219 29.04 2.08 5.32
C VAL B 219 30.09 3.14 5.62
N LEU B 220 29.88 3.95 6.65
CA LEU B 220 30.78 5.08 6.90
C LEU B 220 31.61 4.91 8.20
N SER B 221 32.90 5.18 8.11
CA SER B 221 33.76 5.15 9.28
C SER B 221 33.34 6.30 10.20
N ALA B 222 33.71 6.20 11.48
CA ALA B 222 33.39 7.22 12.46
C ALA B 222 33.92 8.62 12.08
N ASP B 223 34.76 8.70 11.04
CA ASP B 223 35.26 9.98 10.57
C ASP B 223 34.20 10.94 10.02
N ILE B 224 33.09 10.44 9.47
CA ILE B 224 32.10 11.39 8.89
C ILE B 224 31.47 12.31 9.91
N TRP B 225 31.39 11.86 11.16
CA TRP B 225 30.58 12.56 12.16
C TRP B 225 31.02 14.01 12.36
N PRO B 226 32.33 14.24 12.59
CA PRO B 226 32.82 15.64 12.65
C PRO B 226 32.59 16.44 11.36
N LEU B 227 32.74 15.77 10.22
CA LEU B 227 32.58 16.40 8.90
C LEU B 227 31.12 16.78 8.65
N LEU B 228 30.21 16.01 9.23
CA LEU B 228 28.77 16.29 9.12
C LEU B 228 28.36 17.56 9.85
N ALA B 229 29.23 18.09 10.70
CA ALA B 229 29.03 19.38 11.29
C ALA B 229 29.59 20.47 10.33
N LYS B 230 29.14 20.44 9.08
CA LYS B 230 29.48 21.47 8.09
C LYS B 230 28.55 21.36 6.87
N THR B 231 28.23 22.52 6.27
CA THR B 231 27.14 22.64 5.28
C THR B 231 27.61 22.41 3.84
N PRO B 232 26.68 22.07 2.92
CA PRO B 232 27.02 22.13 1.49
C PRO B 232 26.90 23.54 0.90
N GLU B 238 19.59 23.27 2.20
CA GLU B 238 19.61 22.02 2.96
C GLU B 238 21.02 21.46 3.14
N ILE B 239 21.09 20.33 3.86
CA ILE B 239 22.33 19.64 4.15
C ILE B 239 22.37 18.22 3.56
N GLN B 240 23.42 17.95 2.80
CA GLN B 240 23.52 16.78 1.93
C GLN B 240 24.73 15.91 2.29
N LEU B 241 24.53 14.61 2.22
CA LEU B 241 25.50 13.62 2.62
C LEU B 241 26.76 13.60 1.74
N THR B 242 26.56 13.49 0.42
CA THR B 242 27.64 13.38 -0.55
C THR B 242 28.74 14.40 -0.33
N ASP B 243 28.32 15.66 -0.14
CA ASP B 243 29.26 16.75 0.11
C ASP B 243 30.14 16.47 1.31
N SER B 244 29.52 15.95 2.36
CA SER B 244 30.26 15.58 3.56
C SER B 244 31.18 14.39 3.24
N ILE B 245 30.68 13.42 2.48
CA ILE B 245 31.54 12.31 2.01
C ILE B 245 32.79 12.85 1.25
N ALA B 246 32.57 13.79 0.32
CA ALA B 246 33.68 14.44 -0.40
C ALA B 246 34.80 14.90 0.54
N MET B 247 34.41 15.50 1.67
CA MET B 247 35.36 16.07 2.64
C MET B 247 36.20 14.98 3.33
N LEU B 248 35.63 13.78 3.39
CA LEU B 248 36.30 12.61 3.94
C LEU B 248 37.31 12.05 2.94
N MET B 249 36.96 12.13 1.65
CA MET B 249 37.81 11.58 0.60
C MET B 249 39.12 12.33 0.54
N GLU B 250 39.05 13.60 0.94
CA GLU B 250 40.23 14.44 1.07
C GLU B 250 41.12 13.95 2.19
N LYS B 251 40.51 13.54 3.29
CA LYS B 251 41.25 13.16 4.48
C LYS B 251 41.63 11.69 4.46
N GLU B 252 40.77 10.85 3.92
CA GLU B 252 40.92 9.40 4.04
C GLU B 252 40.43 8.65 2.80
N THR B 253 40.78 7.38 2.71
CA THR B 253 40.42 6.53 1.58
C THR B 253 38.96 6.07 1.63
N VAL B 254 38.21 6.43 0.59
CA VAL B 254 36.82 6.08 0.49
C VAL B 254 36.58 5.28 -0.79
N GLU B 255 36.13 4.02 -0.64
CA GLU B 255 35.90 3.09 -1.76
C GLU B 255 34.44 3.01 -2.23
N ALA B 256 34.27 2.52 -3.45
CA ALA B 256 32.96 2.28 -4.07
C ALA B 256 32.76 0.78 -4.31
N TYR B 257 31.61 0.27 -3.91
CA TYR B 257 31.28 -1.14 -3.99
C TYR B 257 30.19 -1.42 -5.00
N HIS B 258 30.48 -2.32 -5.91
CA HIS B 258 29.56 -2.66 -7.00
C HIS B 258 28.44 -3.57 -6.53
N LEU B 259 27.22 -3.07 -6.67
CA LEU B 259 26.01 -3.81 -6.35
C LEU B 259 26.04 -5.21 -6.96
N LYS B 260 25.62 -6.18 -6.17
CA LYS B 260 25.41 -7.57 -6.59
C LYS B 260 23.92 -7.81 -6.78
N GLY B 261 23.57 -8.57 -7.80
CA GLY B 261 22.20 -8.81 -8.17
C GLY B 261 21.47 -7.64 -8.77
N VAL B 262 20.37 -7.25 -8.16
CA VAL B 262 19.57 -6.13 -8.70
C VAL B 262 18.87 -5.33 -7.59
N SER B 263 18.58 -4.07 -7.89
CA SER B 263 17.83 -3.22 -6.98
C SER B 263 16.58 -2.74 -7.68
N HIS B 264 15.59 -2.36 -6.87
CA HIS B 264 14.37 -1.75 -7.36
C HIS B 264 14.25 -0.42 -6.64
N ASP B 265 14.11 0.64 -7.42
CA ASP B 265 13.85 1.96 -6.93
C ASP B 265 12.33 2.13 -6.79
N CYS B 266 11.83 1.92 -5.57
CA CYS B 266 10.41 2.01 -5.30
C CYS B 266 10.00 3.41 -4.87
N GLY B 267 10.87 4.38 -5.15
CA GLY B 267 10.61 5.79 -4.91
C GLY B 267 10.08 6.52 -6.13
N ASN B 268 9.93 5.81 -7.24
CA ASN B 268 9.11 6.31 -8.36
C ASN B 268 8.04 5.29 -8.76
N LYS B 269 6.93 5.81 -9.29
CA LYS B 269 5.72 5.02 -9.46
C LYS B 269 6.02 3.79 -10.28
N LEU B 270 6.70 3.98 -11.40
CA LEU B 270 6.98 2.87 -12.31
C LEU B 270 7.91 1.84 -11.71
N GLY B 271 8.97 2.30 -11.07
CA GLY B 271 9.86 1.36 -10.37
C GLY B 271 9.06 0.53 -9.38
N TYR B 272 8.14 1.17 -8.68
CA TYR B 272 7.30 0.47 -7.69
C TYR B 272 6.30 -0.51 -8.32
N MET B 273 5.68 -0.12 -9.43
CA MET B 273 4.77 -1.03 -10.12
C MET B 273 5.56 -2.19 -10.73
N GLN B 274 6.77 -1.92 -11.18
CA GLN B 274 7.61 -2.98 -11.72
C GLN B 274 7.99 -3.98 -10.63
N ALA B 275 8.42 -3.46 -9.49
CA ALA B 275 8.87 -4.32 -8.40
C ALA B 275 7.73 -5.20 -7.88
N PHE B 276 6.57 -4.59 -7.76
CA PHE B 276 5.37 -5.27 -7.27
C PHE B 276 5.12 -6.51 -8.12
N VAL B 277 5.19 -6.36 -9.44
CA VAL B 277 5.00 -7.48 -10.34
C VAL B 277 6.14 -8.53 -10.20
N GLU B 278 7.39 -8.07 -10.20
CA GLU B 278 8.54 -8.98 -10.08
C GLU B 278 8.50 -9.79 -8.79
N TYR B 279 8.12 -9.16 -7.67
CA TYR B 279 7.98 -9.89 -6.38
C TYR B 279 6.68 -10.64 -6.36
N GLY B 280 5.72 -10.12 -7.10
CA GLY B 280 4.45 -10.80 -7.31
C GLY B 280 4.64 -12.17 -7.91
N VAL B 281 5.55 -12.28 -8.86
CA VAL B 281 5.77 -13.57 -9.54
C VAL B 281 6.55 -14.53 -8.68
N ARG B 282 7.37 -14.01 -7.77
CA ARG B 282 8.17 -14.88 -6.88
C ARG B 282 7.51 -15.19 -5.54
N HIS B 283 6.35 -14.61 -5.26
CA HIS B 283 5.73 -14.84 -3.96
C HIS B 283 5.59 -16.38 -3.72
N GLU B 284 5.83 -16.76 -2.47
CA GLU B 284 5.93 -18.13 -1.95
C GLU B 284 4.76 -19.04 -2.27
N THR B 285 3.58 -18.50 -2.05
CA THR B 285 2.32 -19.24 -2.08
C THR B 285 1.42 -18.82 -3.23
N LEU B 286 1.67 -17.62 -3.77
CA LEU B 286 0.83 -17.01 -4.79
C LEU B 286 1.61 -16.74 -6.09
N GLY B 287 2.91 -16.98 -6.10
CA GLY B 287 3.72 -16.74 -7.29
C GLY B 287 3.24 -17.44 -8.55
N SER B 288 2.88 -18.71 -8.43
CA SER B 288 2.53 -19.52 -9.62
C SER B 288 1.17 -19.16 -10.22
N ASP B 289 0.19 -18.98 -9.36
CA ASP B 289 -1.15 -18.56 -9.78
C ASP B 289 -1.07 -17.21 -10.49
N PHE B 290 -0.32 -16.32 -9.87
CA PHE B 290 -0.11 -14.98 -10.38
C PHE B 290 0.62 -15.03 -11.71
N LYS B 291 1.72 -15.77 -11.73
CA LYS B 291 2.50 -15.97 -12.93
C LYS B 291 1.64 -16.50 -14.04
N ALA B 292 0.91 -17.59 -13.78
CA ALA B 292 0.02 -18.14 -14.81
C ALA B 292 -1.00 -17.08 -15.24
N TRP B 293 -1.78 -16.56 -14.28
CA TRP B 293 -2.77 -15.53 -14.59
C TRP B 293 -2.17 -14.49 -15.52
N LEU B 294 -0.96 -14.04 -15.19
CA LEU B 294 -0.28 -13.05 -16.01
C LEU B 294 -0.16 -13.50 -17.46
N GLU B 295 0.50 -14.64 -17.66
CA GLU B 295 0.85 -15.10 -19.00
C GLU B 295 -0.39 -15.23 -19.89
N SER B 296 -1.47 -15.80 -19.34
CA SER B 296 -2.77 -15.86 -20.05
C SER B 296 -3.36 -14.47 -20.34
N ALA B 297 -3.23 -13.55 -19.40
CA ALA B 297 -3.82 -12.21 -19.53
C ALA B 297 -2.99 -11.22 -20.38
N VAL B 298 -1.85 -11.67 -20.89
CA VAL B 298 -1.11 -10.95 -21.94
C VAL B 298 -0.05 -11.89 -22.50
#